data_4C3Q
#
_entry.id   4C3Q
#
_cell.length_a   72.889
_cell.length_b   72.889
_cell.length_c   98.189
_cell.angle_alpha   90.00
_cell.angle_beta   90.00
_cell.angle_gamma   120.00
#
_symmetry.space_group_name_H-M   'P 32 2 1'
#
loop_
_entity.id
_entity.type
_entity.pdbx_description
1 polymer 'BETA-LACTAMASE TOHO-1'
2 non-polymer 'BENZO[B]THIOPHENE-2-BORONIC ACID'
3 water water
#
_entity_poly.entity_id   1
_entity_poly.type   'polypeptide(L)'
_entity_poly.pdbx_seq_one_letter_code
;NSVQQQLEALEKSSGGRLGVALINTADNSQILYRADERFAMCSTSKVMAAAAVLKQSESDKHLLNQRVEIKKSDLVNYNP
IAEKHVNGTMTLAELGAAALQYSDNTAMNKLIAHLGGPDKVTAFARSLGDETFRLDRTEPTLNTAIPGDPRDTTTPLAMA
QTLKNLTLGKALAETQRAQLVTWLKGNTTGSASIRAGLPKSWVVGDKTGSGDYGTTNDIAVIWPENHAPLVLVTYFTQPE
QKAENRNDILAAAAKIVTHGF
;
_entity_poly.pdbx_strand_id   A
#
# COMPACT_ATOMS: atom_id res chain seq x y z
N ASN A 1 11.68 -27.93 -5.76
CA ASN A 1 12.33 -26.73 -5.26
C ASN A 1 11.48 -26.03 -4.21
N SER A 2 12.14 -25.52 -3.18
CA SER A 2 11.42 -24.86 -2.08
C SER A 2 10.93 -23.49 -2.50
N VAL A 3 10.05 -22.91 -1.70
CA VAL A 3 9.52 -21.57 -1.96
C VAL A 3 10.67 -20.56 -1.95
N GLN A 4 11.58 -20.70 -1.00
CA GLN A 4 12.73 -19.82 -0.90
C GLN A 4 13.58 -19.87 -2.17
N GLN A 5 13.66 -21.06 -2.76
CA GLN A 5 14.45 -21.27 -3.96
C GLN A 5 13.74 -20.74 -5.21
N GLN A 6 12.41 -20.85 -5.21
CA GLN A 6 11.60 -20.32 -6.31
C GLN A 6 11.67 -18.79 -6.34
N LEU A 7 11.71 -18.18 -5.17
CA LEU A 7 11.75 -16.72 -5.07
C LEU A 7 13.14 -16.19 -5.42
N GLU A 8 14.16 -16.98 -5.12
CA GLU A 8 15.54 -16.60 -5.44
C GLU A 8 15.78 -16.77 -6.93
N ALA A 9 15.15 -17.78 -7.52
CA ALA A 9 15.23 -17.99 -8.97
C ALA A 9 14.42 -16.93 -9.73
N LEU A 10 13.35 -16.45 -9.12
CA LEU A 10 12.51 -15.42 -9.71
C LEU A 10 13.21 -14.07 -9.66
N GLU A 11 13.85 -13.80 -8.53
CA GLU A 11 14.62 -12.57 -8.37
C GLU A 11 15.79 -12.50 -9.34
N LYS A 12 16.46 -13.63 -9.55
CA LYS A 12 17.69 -13.66 -10.32
C LYS A 12 17.46 -13.32 -11.79
N SER A 13 16.39 -13.87 -12.36
CA SER A 13 16.07 -13.66 -13.77
C SER A 13 15.38 -12.33 -14.00
N SER A 14 15.03 -11.64 -12.92
CA SER A 14 14.24 -10.41 -13.01
C SER A 14 15.11 -9.18 -13.24
N GLY A 15 16.38 -9.27 -12.85
CA GLY A 15 17.28 -8.12 -12.94
C GLY A 15 17.00 -7.05 -11.89
N GLY A 16 16.37 -7.44 -10.79
CA GLY A 16 16.06 -6.50 -9.73
C GLY A 16 16.12 -7.12 -8.35
N ARG A 17 15.60 -6.40 -7.36
CA ARG A 17 15.63 -6.83 -5.97
C ARG A 17 14.22 -7.10 -5.47
N LEU A 18 13.98 -8.32 -4.99
CA LEU A 18 12.64 -8.77 -4.60
C LEU A 18 12.47 -8.80 -3.09
N GLY A 19 11.35 -8.26 -2.61
CA GLY A 19 11.00 -8.31 -1.21
C GLY A 19 9.59 -8.85 -0.97
N VAL A 20 9.50 -9.92 -0.18
CA VAL A 20 8.24 -10.61 0.06
C VAL A 20 8.02 -10.90 1.54
N ALA A 21 6.83 -10.60 2.01
CA ALA A 21 6.38 -11.01 3.35
C ALA A 21 4.93 -11.48 3.27
N LEU A 22 4.74 -12.79 3.46
CA LEU A 22 3.39 -13.37 3.56
C LEU A 22 3.14 -13.77 5.02
N ILE A 23 1.95 -13.42 5.52
CA ILE A 23 1.53 -13.82 6.85
C ILE A 23 0.27 -14.67 6.73
N ASN A 24 0.36 -15.91 7.19
CA ASN A 24 -0.79 -16.80 7.26
C ASN A 24 -1.35 -16.73 8.68
N THR A 25 -2.50 -16.06 8.80
CA THR A 25 -3.09 -15.80 10.11
C THR A 25 -3.64 -17.06 10.78
N ALA A 26 -3.74 -18.14 10.02
CA ALA A 26 -4.16 -19.43 10.57
C ALA A 26 -3.31 -19.82 11.77
N ASP A 27 -2.00 -19.67 11.63
CA ASP A 27 -1.07 -20.06 12.68
C ASP A 27 0.06 -19.04 12.84
N ASN A 28 -0.07 -17.91 12.15
CA ASN A 28 0.92 -16.84 12.17
C ASN A 28 2.28 -17.30 11.64
N SER A 29 2.27 -18.32 10.78
CA SER A 29 3.48 -18.74 10.08
C SER A 29 3.79 -17.70 9.01
N GLN A 30 5.07 -17.57 8.66
CA GLN A 30 5.52 -16.51 7.76
C GLN A 30 6.44 -17.03 6.67
N ILE A 31 6.20 -16.55 5.44
CA ILE A 31 7.13 -16.74 4.34
C ILE A 31 7.79 -15.40 4.04
N LEU A 32 9.11 -15.37 4.22
CA LEU A 32 9.88 -14.13 4.18
C LEU A 32 11.01 -14.19 3.15
N TYR A 33 11.18 -13.10 2.41
CA TYR A 33 12.28 -12.97 1.46
C TYR A 33 12.71 -11.51 1.36
N ARG A 34 13.92 -11.22 1.84
CA ARG A 34 14.38 -9.84 2.00
C ARG A 34 13.34 -9.03 2.75
N ALA A 35 12.74 -9.64 3.77
CA ALA A 35 11.59 -9.02 4.45
C ALA A 35 12.01 -7.96 5.45
N ASP A 36 13.31 -7.94 5.80
CA ASP A 36 13.84 -6.92 6.71
C ASP A 36 14.57 -5.82 5.95
N GLU A 37 14.52 -5.84 4.61
CA GLU A 37 15.18 -4.84 3.80
C GLU A 37 14.24 -3.69 3.43
N ARG A 38 14.77 -2.48 3.37
CA ARG A 38 13.97 -1.29 3.05
C ARG A 38 13.73 -1.12 1.55
N PHE A 39 12.48 -0.82 1.19
CA PHE A 39 12.08 -0.55 -0.18
C PHE A 39 11.31 0.76 -0.20
N ALA A 40 11.38 1.49 -1.29
CA ALA A 40 10.53 2.67 -1.46
C ALA A 40 9.08 2.20 -1.60
N MET A 41 8.22 2.74 -0.75
CA MET A 41 6.81 2.34 -0.72
C MET A 41 6.04 2.81 -1.95
N CYS A 42 6.43 3.96 -2.47
CA CYS A 42 5.69 4.64 -3.53
C CYS A 42 4.24 4.86 -3.08
N SER A 43 3.27 4.54 -3.93
CA SER A 43 1.87 4.80 -3.60
C SER A 43 1.30 3.90 -2.50
N THR A 44 2.02 2.86 -2.11
CA THR A 44 1.51 1.95 -1.10
C THR A 44 1.44 2.65 0.25
N SER A 45 2.13 3.78 0.36
CA SER A 45 2.12 4.56 1.58
C SER A 45 0.79 5.30 1.74
N LYS A 46 -0.02 5.30 0.70
CA LYS A 46 -1.30 5.99 0.72
C LYS A 46 -2.27 5.32 1.69
N VAL A 47 -2.02 4.04 1.98
CA VAL A 47 -2.82 3.31 2.95
C VAL A 47 -2.67 3.91 4.35
N MET A 48 -1.45 4.33 4.69
CA MET A 48 -1.15 4.84 6.04
C MET A 48 -1.76 6.22 6.28
N ALA A 49 -1.68 7.08 5.27
CA ALA A 49 -2.30 8.39 5.29
C ALA A 49 -3.81 8.33 5.54
N ALA A 50 -4.51 7.52 4.77
CA ALA A 50 -5.96 7.35 4.90
C ALA A 50 -6.33 6.79 6.27
N ALA A 51 -5.64 5.72 6.64
CA ALA A 51 -5.82 5.08 7.94
C ALA A 51 -5.73 6.08 9.09
N ALA A 52 -4.77 6.99 9.00
CA ALA A 52 -4.55 8.00 10.01
C ALA A 52 -5.79 8.87 10.18
N VAL A 53 -6.41 9.23 9.06
CA VAL A 53 -7.61 10.04 9.07
C VAL A 53 -8.81 9.24 9.59
N LEU A 54 -8.81 7.94 9.36
CA LEU A 54 -9.86 7.09 9.90
C LEU A 54 -9.75 7.02 11.42
N LYS A 55 -8.51 6.95 11.90
CA LYS A 55 -8.22 6.98 13.34
C LYS A 55 -8.73 8.28 13.96
N GLN A 56 -8.39 9.40 13.34
CA GLN A 56 -8.90 10.70 13.77
C GLN A 56 -10.42 10.69 13.86
N SER A 57 -11.04 10.02 12.90
CA SER A 57 -12.50 10.04 12.74
C SER A 57 -13.21 9.21 13.81
N GLU A 58 -12.45 8.41 14.53
CA GLU A 58 -12.99 7.67 15.66
C GLU A 58 -13.53 8.61 16.74
N SER A 59 -12.81 9.71 16.97
CA SER A 59 -13.17 10.65 18.02
C SER A 59 -13.74 11.97 17.47
N ASP A 60 -13.93 12.03 16.15
CA ASP A 60 -14.53 13.19 15.51
C ASP A 60 -15.52 12.73 14.44
N LYS A 61 -16.78 12.67 14.81
CA LYS A 61 -17.83 12.09 13.96
C LYS A 61 -18.20 12.93 12.75
N HIS A 62 -17.71 14.16 12.70
CA HIS A 62 -17.99 15.07 11.58
C HIS A 62 -16.82 15.20 10.63
N LEU A 63 -15.74 14.47 10.92
CA LEU A 63 -14.50 14.63 10.17
C LEU A 63 -14.62 14.15 8.73
N LEU A 64 -15.05 12.91 8.53
CA LEU A 64 -15.00 12.28 7.22
C LEU A 64 -15.91 12.98 6.20
N ASN A 65 -16.83 13.80 6.68
CA ASN A 65 -17.70 14.59 5.81
C ASN A 65 -17.21 16.03 5.65
N GLN A 66 -16.13 16.36 6.35
CA GLN A 66 -15.53 17.69 6.23
C GLN A 66 -15.08 17.96 4.79
N ARG A 67 -15.53 19.07 4.22
CA ARG A 67 -15.27 19.40 2.82
C ARG A 67 -13.91 20.06 2.63
N VAL A 68 -13.22 19.67 1.56
CA VAL A 68 -11.92 20.21 1.22
C VAL A 68 -11.93 20.75 -0.21
N GLU A 69 -11.58 22.02 -0.36
CA GLU A 69 -11.61 22.70 -1.65
C GLU A 69 -10.49 22.22 -2.57
N ILE A 70 -10.87 21.85 -3.80
CA ILE A 70 -9.91 21.44 -4.81
C ILE A 70 -9.78 22.54 -5.86
N LYS A 71 -8.61 23.19 -5.90
CA LYS A 71 -8.32 24.21 -6.89
C LYS A 71 -7.33 23.67 -7.93
N LYS A 72 -7.20 24.38 -9.04
CA LYS A 72 -6.30 23.96 -10.12
C LYS A 72 -4.86 23.83 -9.63
N SER A 73 -4.44 24.72 -8.76
CA SER A 73 -3.08 24.72 -8.22
C SER A 73 -2.79 23.44 -7.43
N ASP A 74 -3.83 22.84 -6.88
CA ASP A 74 -3.67 21.63 -6.07
C ASP A 74 -3.33 20.44 -6.96
N LEU A 75 -3.67 20.55 -8.23
CA LEU A 75 -3.44 19.46 -9.17
C LEU A 75 -1.95 19.25 -9.43
N VAL A 76 -1.40 18.21 -8.81
CA VAL A 76 -0.06 17.74 -9.13
C VAL A 76 -0.18 16.89 -10.39
N ASN A 77 0.65 15.86 -10.51
CA ASN A 77 0.53 14.94 -11.63
C ASN A 77 -0.38 13.76 -11.27
N TYR A 78 -1.18 13.33 -12.24
CA TYR A 78 -2.09 12.20 -12.05
C TYR A 78 -3.14 12.46 -10.96
N ASN A 79 -4.30 12.96 -11.38
CA ASN A 79 -5.39 13.31 -10.47
C ASN A 79 -6.74 12.88 -11.05
N PRO A 80 -6.89 11.56 -11.27
CA PRO A 80 -8.04 10.99 -11.99
C PRO A 80 -9.39 11.31 -11.36
N ILE A 81 -9.44 11.44 -10.04
CA ILE A 81 -10.68 11.77 -9.34
C ILE A 81 -10.72 13.26 -8.98
N ALA A 82 -9.59 13.79 -8.51
CA ALA A 82 -9.54 15.17 -8.05
C ALA A 82 -9.76 16.18 -9.18
N GLU A 83 -9.33 15.84 -10.39
CA GLU A 83 -9.51 16.74 -11.53
C GLU A 83 -10.99 16.93 -11.84
N LYS A 84 -11.80 15.95 -11.50
CA LYS A 84 -13.25 15.99 -11.75
C LYS A 84 -13.97 16.89 -10.74
N HIS A 85 -13.21 17.57 -9.89
CA HIS A 85 -13.79 18.35 -8.79
C HIS A 85 -13.07 19.69 -8.57
N VAL A 86 -12.27 20.10 -9.56
CA VAL A 86 -11.64 21.41 -9.52
C VAL A 86 -12.71 22.49 -9.42
N ASN A 87 -12.44 23.54 -8.65
CA ASN A 87 -13.40 24.60 -8.35
C ASN A 87 -14.60 24.08 -7.57
N GLY A 88 -14.42 22.93 -6.93
CA GLY A 88 -15.46 22.34 -6.10
C GLY A 88 -14.88 21.89 -4.77
N THR A 89 -15.41 20.80 -4.23
CA THR A 89 -14.96 20.28 -2.94
C THR A 89 -15.09 18.76 -2.91
N MET A 90 -14.24 18.13 -2.10
CA MET A 90 -14.32 16.72 -1.82
C MET A 90 -14.26 16.54 -0.32
N THR A 91 -15.02 15.59 0.20
CA THR A 91 -14.96 15.28 1.62
C THR A 91 -13.73 14.41 1.85
N LEU A 92 -13.24 14.37 3.09
CA LEU A 92 -12.07 13.56 3.43
C LEU A 92 -12.28 12.09 3.09
N ALA A 93 -13.51 11.59 3.29
CA ALA A 93 -13.83 10.21 2.93
C ALA A 93 -13.69 9.97 1.42
N GLU A 94 -14.14 10.94 0.62
CA GLU A 94 -14.04 10.85 -0.83
C GLU A 94 -12.57 10.90 -1.25
N LEU A 95 -11.78 11.67 -0.49
CA LEU A 95 -10.35 11.75 -0.72
C LEU A 95 -9.64 10.46 -0.30
N GLY A 96 -10.06 9.89 0.83
CA GLY A 96 -9.53 8.63 1.29
C GLY A 96 -9.89 7.48 0.36
N ALA A 97 -11.02 7.60 -0.32
CA ALA A 97 -11.43 6.62 -1.33
C ALA A 97 -10.60 6.77 -2.60
N ALA A 98 -10.47 8.00 -3.09
CA ALA A 98 -9.77 8.30 -4.33
C ALA A 98 -8.28 7.95 -4.25
N ALA A 99 -7.68 8.19 -3.08
CA ALA A 99 -6.27 7.92 -2.85
C ALA A 99 -5.97 6.42 -2.93
N LEU A 100 -6.87 5.62 -2.37
CA LEU A 100 -6.66 4.17 -2.31
C LEU A 100 -7.14 3.44 -3.57
N GLN A 101 -8.30 3.81 -4.09
CA GLN A 101 -8.93 3.04 -5.16
C GLN A 101 -8.47 3.43 -6.56
N TYR A 102 -7.96 4.66 -6.71
CA TYR A 102 -7.46 5.12 -8.01
C TYR A 102 -6.06 5.72 -7.91
N SER A 103 -5.44 5.60 -6.74
CA SER A 103 -4.09 6.09 -6.53
C SER A 103 -3.95 7.57 -6.89
N ASP A 104 -4.96 8.36 -6.51
CA ASP A 104 -4.96 9.79 -6.79
C ASP A 104 -3.95 10.52 -5.91
N ASN A 105 -3.07 11.31 -6.56
CA ASN A 105 -2.00 12.02 -5.86
C ASN A 105 -2.46 13.32 -5.21
N THR A 106 -3.44 13.99 -5.81
CA THR A 106 -4.01 15.17 -5.18
C THR A 106 -4.63 14.77 -3.86
N ALA A 107 -5.37 13.66 -3.88
CA ALA A 107 -6.06 13.17 -2.69
C ALA A 107 -5.06 12.85 -1.58
N MET A 108 -3.96 12.20 -1.95
CA MET A 108 -2.91 11.85 -1.00
C MET A 108 -2.36 13.08 -0.31
N ASN A 109 -2.04 14.11 -1.08
CA ASN A 109 -1.46 15.34 -0.53
C ASN A 109 -2.45 16.12 0.33
N LYS A 110 -3.74 16.01 0.02
CA LYS A 110 -4.77 16.62 0.84
C LYS A 110 -4.88 15.94 2.20
N LEU A 111 -4.73 14.62 2.21
CA LEU A 111 -4.75 13.87 3.47
C LEU A 111 -3.50 14.21 4.29
N ILE A 112 -2.36 14.33 3.62
CA ILE A 112 -1.11 14.67 4.29
C ILE A 112 -1.17 16.08 4.88
N ALA A 113 -1.64 17.03 4.08
CA ALA A 113 -1.74 18.42 4.52
C ALA A 113 -2.74 18.58 5.66
N HIS A 114 -3.76 17.72 5.70
CA HIS A 114 -4.74 17.75 6.78
C HIS A 114 -4.12 17.27 8.09
N LEU A 115 -3.38 16.17 8.00
CA LEU A 115 -2.75 15.56 9.17
C LEU A 115 -1.65 16.47 9.73
N GLY A 116 -1.08 17.32 8.90
CA GLY A 116 -0.03 18.23 9.31
C GLY A 116 1.34 17.97 8.69
N GLY A 117 1.39 17.08 7.70
CA GLY A 117 2.61 16.83 6.95
C GLY A 117 3.09 15.40 7.11
N PRO A 118 4.08 14.99 6.29
CA PRO A 118 4.60 13.60 6.28
C PRO A 118 5.02 13.09 7.66
N ASP A 119 5.60 13.94 8.49
CA ASP A 119 6.01 13.55 9.83
C ASP A 119 4.86 13.03 10.68
N LYS A 120 3.65 13.49 10.40
CA LYS A 120 2.48 13.13 11.21
C LYS A 120 2.00 11.73 10.85
N VAL A 121 2.19 11.34 9.60
CA VAL A 121 1.87 10.01 9.12
C VAL A 121 2.85 9.03 9.75
N THR A 122 4.11 9.44 9.80
CA THR A 122 5.14 8.66 10.49
C THR A 122 4.74 8.44 11.95
N ALA A 123 4.34 9.51 12.62
CA ALA A 123 3.94 9.44 14.02
C ALA A 123 2.80 8.45 14.24
N PHE A 124 1.79 8.50 13.37
CA PHE A 124 0.68 7.56 13.42
C PHE A 124 1.16 6.11 13.32
N ALA A 125 2.04 5.85 12.36
CA ALA A 125 2.57 4.50 12.14
C ALA A 125 3.23 3.96 13.40
N ARG A 126 4.01 4.82 14.04
CA ARG A 126 4.67 4.49 15.31
C ARG A 126 3.67 4.09 16.40
N SER A 127 2.55 4.79 16.45
CA SER A 127 1.52 4.51 17.45
C SER A 127 0.85 3.15 17.26
N LEU A 128 1.10 2.53 16.10
CA LEU A 128 0.58 1.19 15.83
C LEU A 128 1.63 0.12 16.14
N GLY A 129 2.80 0.56 16.61
CA GLY A 129 3.90 -0.35 16.91
C GLY A 129 4.84 -0.53 15.74
N ASP A 130 4.61 0.21 14.67
CA ASP A 130 5.47 0.16 13.49
C ASP A 130 6.63 1.14 13.65
N GLU A 131 7.82 0.61 13.84
CA GLU A 131 9.00 1.42 14.12
C GLU A 131 9.87 1.59 12.87
N THR A 132 9.36 1.14 11.73
CA THR A 132 10.12 1.08 10.50
C THR A 132 9.63 2.09 9.47
N PHE A 133 8.33 2.14 9.26
CA PHE A 133 7.70 3.07 8.31
C PHE A 133 8.21 4.50 8.52
N ARG A 134 8.50 5.17 7.41
CA ARG A 134 8.83 6.59 7.44
C ARG A 134 8.40 7.25 6.13
N LEU A 135 7.48 8.21 6.24
CA LEU A 135 7.09 9.06 5.12
C LEU A 135 7.77 10.42 5.28
N ASP A 136 8.44 10.89 4.23
CA ASP A 136 9.29 12.08 4.33
C ASP A 136 8.85 13.22 3.40
N ARG A 137 8.20 12.87 2.30
CA ARG A 137 7.87 13.84 1.26
C ARG A 137 6.43 13.69 0.79
N THR A 138 5.98 14.67 0.01
CA THR A 138 4.64 14.67 -0.55
C THR A 138 4.68 14.04 -1.94
N GLU A 139 3.53 13.99 -2.60
CA GLU A 139 3.48 13.54 -3.99
C GLU A 139 3.90 14.68 -4.90
N PRO A 140 4.62 14.38 -5.99
CA PRO A 140 5.05 13.07 -6.49
C PRO A 140 6.49 12.69 -6.08
N THR A 141 7.19 13.58 -5.39
CA THR A 141 8.62 13.37 -5.13
C THR A 141 8.90 12.16 -4.23
N LEU A 142 7.91 11.72 -3.46
CA LEU A 142 8.08 10.53 -2.64
C LEU A 142 8.28 9.24 -3.45
N ASN A 143 8.15 9.32 -4.78
CA ASN A 143 8.30 8.16 -5.67
C ASN A 143 9.64 8.07 -6.41
N THR A 144 10.65 8.82 -5.99
CA THR A 144 11.96 8.78 -6.65
C THR A 144 12.62 7.41 -6.48
N ALA A 145 12.35 6.77 -5.35
CA ALA A 145 12.76 5.39 -5.09
C ALA A 145 14.22 5.12 -5.41
N ILE A 146 15.07 6.10 -5.12
CA ILE A 146 16.51 5.99 -5.40
C ILE A 146 17.10 4.88 -4.54
N PRO A 147 17.92 3.99 -5.14
CA PRO A 147 18.55 2.94 -4.33
C PRO A 147 19.37 3.51 -3.17
N GLY A 148 19.20 2.92 -2.00
CA GLY A 148 19.95 3.33 -0.82
C GLY A 148 19.34 4.51 -0.08
N ASP A 149 18.36 5.17 -0.70
CA ASP A 149 17.67 6.30 -0.09
C ASP A 149 16.66 5.80 0.96
N PRO A 150 16.74 6.32 2.20
CA PRO A 150 15.82 5.84 3.24
C PRO A 150 14.47 6.56 3.29
N ARG A 151 14.34 7.68 2.58
CA ARG A 151 13.10 8.45 2.59
C ARG A 151 11.95 7.70 1.94
N ASP A 152 10.80 7.72 2.60
CA ASP A 152 9.58 7.12 2.08
C ASP A 152 9.75 5.63 1.83
N THR A 153 10.41 4.97 2.77
CA THR A 153 10.64 3.54 2.71
C THR A 153 10.04 2.78 3.89
N THR A 154 9.91 1.47 3.73
CA THR A 154 9.63 0.56 4.83
C THR A 154 10.09 -0.83 4.40
N THR A 155 9.87 -1.81 5.27
CA THR A 155 10.27 -3.18 4.98
C THR A 155 9.00 -4.01 4.71
N PRO A 156 9.12 -5.06 3.88
CA PRO A 156 7.96 -5.92 3.60
C PRO A 156 7.29 -6.49 4.85
N LEU A 157 8.09 -6.99 5.80
CA LEU A 157 7.52 -7.60 7.01
C LEU A 157 6.78 -6.56 7.84
N ALA A 158 7.39 -5.40 8.01
CA ALA A 158 6.80 -4.35 8.84
C ALA A 158 5.49 -3.86 8.23
N MET A 159 5.45 -3.77 6.91
CA MET A 159 4.25 -3.29 6.23
C MET A 159 3.16 -4.37 6.20
N ALA A 160 3.57 -5.64 6.19
CA ALA A 160 2.63 -6.75 6.32
C ALA A 160 2.06 -6.83 7.73
N GLN A 161 2.91 -6.61 8.73
CA GLN A 161 2.47 -6.61 10.12
C GLN A 161 1.48 -5.49 10.39
N THR A 162 1.74 -4.33 9.82
CA THR A 162 0.90 -3.17 10.04
C THR A 162 -0.42 -3.31 9.27
N LEU A 163 -0.34 -3.74 8.01
CA LEU A 163 -1.53 -3.98 7.20
C LEU A 163 -2.45 -5.01 7.88
N LYS A 164 -1.86 -6.03 8.50
CA LYS A 164 -2.63 -7.02 9.25
C LYS A 164 -3.36 -6.34 10.40
N ASN A 165 -2.65 -5.52 11.15
CA ASN A 165 -3.24 -4.81 12.28
C ASN A 165 -4.34 -3.85 11.84
N LEU A 166 -4.12 -3.21 10.69
CA LEU A 166 -5.06 -2.22 10.18
C LEU A 166 -6.36 -2.84 9.67
N THR A 167 -6.27 -3.99 9.01
CA THR A 167 -7.42 -4.60 8.32
C THR A 167 -8.07 -5.74 9.09
N LEU A 168 -7.26 -6.48 9.85
CA LEU A 168 -7.73 -7.67 10.55
C LEU A 168 -7.55 -7.57 12.06
N GLY A 169 -6.80 -6.56 12.50
CA GLY A 169 -6.32 -6.50 13.86
C GLY A 169 -6.83 -5.35 14.70
N LYS A 170 -5.98 -4.88 15.61
CA LYS A 170 -6.37 -4.01 16.70
C LYS A 170 -6.10 -2.52 16.48
N ALA A 171 -5.65 -2.16 15.29
CA ALA A 171 -5.19 -0.80 15.01
C ALA A 171 -6.32 0.23 15.01
N LEU A 172 -7.44 -0.12 14.37
CA LEU A 172 -8.56 0.80 14.22
C LEU A 172 -9.81 0.25 14.90
N ALA A 173 -10.74 1.14 15.23
CA ALA A 173 -12.05 0.73 15.72
C ALA A 173 -12.77 -0.03 14.60
N GLU A 174 -13.80 -0.79 14.97
CA GLU A 174 -14.47 -1.68 14.02
C GLU A 174 -15.01 -0.96 12.80
N THR A 175 -15.82 0.06 13.02
CA THR A 175 -16.42 0.83 11.94
C THR A 175 -15.36 1.37 10.98
N GLN A 176 -14.27 1.88 11.54
CA GLN A 176 -13.15 2.40 10.76
C GLN A 176 -12.41 1.29 10.05
N ARG A 177 -12.21 0.17 10.74
CA ARG A 177 -11.52 -0.98 10.18
C ARG A 177 -12.27 -1.50 8.96
N ALA A 178 -13.59 -1.53 9.06
CA ALA A 178 -14.46 -2.03 8.01
C ALA A 178 -14.43 -1.12 6.78
N GLN A 179 -14.30 0.18 7.01
CA GLN A 179 -14.23 1.14 5.91
C GLN A 179 -12.95 0.98 5.10
N LEU A 180 -11.82 0.81 5.81
CA LEU A 180 -10.53 0.61 5.16
C LEU A 180 -10.56 -0.64 4.29
N VAL A 181 -11.11 -1.72 4.84
CA VAL A 181 -11.27 -2.96 4.09
C VAL A 181 -12.09 -2.71 2.83
N THR A 182 -13.25 -2.09 3.00
CA THR A 182 -14.12 -1.77 1.88
C THR A 182 -13.38 -0.95 0.82
N TRP A 183 -12.56 -0.01 1.28
CA TRP A 183 -11.78 0.81 0.35
C TRP A 183 -10.77 -0.03 -0.44
N LEU A 184 -10.09 -0.93 0.25
CA LEU A 184 -9.06 -1.78 -0.36
C LEU A 184 -9.67 -2.80 -1.34
N LYS A 185 -10.80 -3.38 -0.97
CA LYS A 185 -11.49 -4.34 -1.84
C LYS A 185 -11.93 -3.70 -3.14
N GLY A 186 -12.27 -2.41 -3.08
CA GLY A 186 -12.73 -1.70 -4.26
C GLY A 186 -11.61 -1.03 -5.06
N ASN A 187 -10.36 -1.41 -4.79
CA ASN A 187 -9.25 -0.95 -5.60
C ASN A 187 -9.48 -1.28 -7.07
N THR A 188 -9.09 -0.37 -7.95
CA THR A 188 -9.25 -0.56 -9.39
C THR A 188 -7.90 -0.73 -10.11
N THR A 189 -6.80 -0.60 -9.37
CA THR A 189 -5.47 -0.51 -9.99
C THR A 189 -4.59 -1.77 -9.85
N GLY A 190 -5.12 -2.85 -9.27
CA GLY A 190 -4.30 -4.01 -8.92
C GLY A 190 -4.55 -5.31 -9.67
N SER A 191 -5.21 -5.24 -10.83
CA SER A 191 -5.59 -6.46 -11.55
C SER A 191 -4.39 -7.26 -12.07
N ALA A 192 -3.35 -6.57 -12.54
CA ALA A 192 -2.19 -7.24 -13.11
C ALA A 192 -1.09 -7.58 -12.09
N SER A 193 -1.30 -7.22 -10.83
CA SER A 193 -0.31 -7.46 -9.78
C SER A 193 -0.60 -8.74 -8.98
N ILE A 194 -0.65 -8.66 -7.65
CA ILE A 194 -0.88 -9.82 -6.79
C ILE A 194 -2.14 -10.61 -7.18
N ARG A 195 -3.20 -9.89 -7.53
CA ARG A 195 -4.47 -10.51 -7.90
C ARG A 195 -4.29 -11.50 -9.05
N ALA A 196 -3.34 -11.21 -9.94
CA ALA A 196 -3.13 -12.02 -11.13
C ALA A 196 -2.48 -13.37 -10.81
N GLY A 197 -1.95 -13.50 -9.60
CA GLY A 197 -1.28 -14.72 -9.19
C GLY A 197 -2.14 -15.59 -8.28
N LEU A 198 -3.37 -15.17 -8.04
CA LEU A 198 -4.27 -15.87 -7.11
C LEU A 198 -5.44 -16.49 -7.86
N PRO A 199 -6.11 -17.48 -7.23
CA PRO A 199 -7.39 -17.98 -7.75
C PRO A 199 -8.37 -16.84 -7.95
N LYS A 200 -9.14 -16.89 -9.03
CA LYS A 200 -10.02 -15.80 -9.43
C LYS A 200 -11.12 -15.52 -8.42
N SER A 201 -11.61 -16.55 -7.74
CA SER A 201 -12.74 -16.41 -6.83
C SER A 201 -12.33 -15.80 -5.48
N TRP A 202 -11.04 -15.90 -5.14
CA TRP A 202 -10.53 -15.31 -3.90
C TRP A 202 -10.81 -13.81 -3.84
N VAL A 203 -11.20 -13.35 -2.65
CA VAL A 203 -11.48 -11.94 -2.43
C VAL A 203 -10.19 -11.25 -1.98
N VAL A 204 -9.92 -10.09 -2.56
CA VAL A 204 -8.65 -9.41 -2.31
C VAL A 204 -8.85 -7.90 -2.20
N GLY A 205 -8.20 -7.31 -1.20
CA GLY A 205 -8.13 -5.87 -1.06
C GLY A 205 -6.67 -5.48 -1.08
N ASP A 206 -6.30 -4.54 -1.94
CA ASP A 206 -4.90 -4.21 -2.15
C ASP A 206 -4.68 -2.75 -2.50
N LYS A 207 -3.46 -2.29 -2.27
CA LYS A 207 -3.01 -1.01 -2.75
C LYS A 207 -1.71 -1.21 -3.52
N THR A 208 -1.74 -0.87 -4.81
CA THR A 208 -0.55 -0.94 -5.64
C THR A 208 0.32 0.28 -5.44
N GLY A 209 1.56 0.19 -5.90
CA GLY A 209 2.48 1.31 -5.92
C GLY A 209 3.56 1.15 -6.97
N SER A 210 3.83 2.25 -7.68
CA SER A 210 4.92 2.27 -8.65
C SER A 210 5.67 3.60 -8.60
N GLY A 211 6.96 3.54 -8.90
CA GLY A 211 7.80 4.72 -8.96
C GLY A 211 8.99 4.50 -9.86
N ASP A 212 10.00 5.36 -9.74
CA ASP A 212 11.20 5.26 -10.56
C ASP A 212 12.02 4.03 -10.20
N TYR A 213 13.11 3.84 -10.93
CA TYR A 213 13.94 2.65 -10.79
C TYR A 213 13.11 1.38 -10.95
N GLY A 214 12.02 1.51 -11.70
CA GLY A 214 11.12 0.40 -11.96
C GLY A 214 10.48 -0.15 -10.70
N THR A 215 10.44 0.66 -9.65
CA THR A 215 9.87 0.22 -8.37
C THR A 215 8.42 -0.17 -8.59
N THR A 216 8.09 -1.41 -8.24
CA THR A 216 6.74 -1.94 -8.47
C THR A 216 6.28 -2.71 -7.24
N ASN A 217 5.27 -2.17 -6.57
CA ASN A 217 4.79 -2.72 -5.31
C ASN A 217 3.31 -3.06 -5.28
N ASP A 218 2.93 -3.85 -4.28
CA ASP A 218 1.53 -4.17 -4.02
C ASP A 218 1.40 -4.81 -2.65
N ILE A 219 0.48 -4.29 -1.82
CA ILE A 219 0.22 -4.87 -0.50
C ILE A 219 -1.25 -5.25 -0.42
N ALA A 220 -1.50 -6.52 -0.07
CA ALA A 220 -2.84 -7.09 -0.17
C ALA A 220 -3.28 -7.87 1.06
N VAL A 221 -4.60 -7.90 1.26
CA VAL A 221 -5.24 -8.77 2.24
C VAL A 221 -6.14 -9.74 1.48
N ILE A 222 -5.95 -11.03 1.73
CA ILE A 222 -6.52 -12.08 0.91
C ILE A 222 -7.42 -12.99 1.73
N TRP A 223 -8.68 -13.11 1.34
CA TRP A 223 -9.64 -13.99 2.00
C TRP A 223 -9.94 -15.20 1.12
N PRO A 224 -9.27 -16.34 1.37
CA PRO A 224 -9.63 -17.56 0.64
C PRO A 224 -11.08 -18.00 0.93
N GLU A 225 -11.58 -18.96 0.16
CA GLU A 225 -12.96 -19.40 0.30
C GLU A 225 -13.17 -20.34 1.49
N ASN A 226 -12.12 -21.03 1.89
CA ASN A 226 -12.22 -22.02 2.97
C ASN A 226 -11.03 -21.98 3.92
N HIS A 227 -10.45 -20.79 4.10
CA HIS A 227 -9.27 -20.64 4.94
C HIS A 227 -9.25 -19.27 5.60
N ALA A 228 -8.35 -19.12 6.57
CA ALA A 228 -8.16 -17.84 7.24
C ALA A 228 -7.46 -16.87 6.28
N PRO A 229 -7.57 -15.55 6.54
CA PRO A 229 -6.96 -14.57 5.64
C PRO A 229 -5.43 -14.61 5.58
N LEU A 230 -4.90 -14.12 4.47
CA LEU A 230 -3.46 -14.01 4.25
C LEU A 230 -3.14 -12.54 4.02
N VAL A 231 -1.99 -12.11 4.53
CA VAL A 231 -1.52 -10.74 4.31
C VAL A 231 -0.21 -10.83 3.54
N LEU A 232 -0.18 -10.21 2.36
CA LEU A 232 0.96 -10.33 1.47
C LEU A 232 1.47 -8.96 1.04
N VAL A 233 2.78 -8.78 1.15
CA VAL A 233 3.44 -7.59 0.65
C VAL A 233 4.49 -8.05 -0.37
N THR A 234 4.44 -7.49 -1.56
CA THR A 234 5.41 -7.80 -2.60
C THR A 234 6.04 -6.51 -3.11
N TYR A 235 7.34 -6.36 -2.86
CA TYR A 235 8.08 -5.18 -3.25
C TYR A 235 9.17 -5.56 -4.23
N PHE A 236 9.40 -4.67 -5.21
CA PHE A 236 10.37 -4.94 -6.26
C PHE A 236 10.91 -3.66 -6.84
N THR A 237 12.24 -3.59 -6.97
CA THR A 237 12.90 -2.41 -7.49
C THR A 237 14.15 -2.82 -8.25
N GLN A 238 14.63 -1.94 -9.12
CA GLN A 238 15.70 -2.29 -10.06
C GLN A 238 16.82 -1.25 -10.06
N PRO A 239 18.00 -1.63 -10.58
CA PRO A 239 19.18 -0.75 -10.49
C PRO A 239 19.11 0.55 -11.29
N GLU A 240 18.49 0.53 -12.46
CA GLU A 240 18.52 1.67 -13.37
C GLU A 240 17.25 2.51 -13.26
N GLN A 241 17.43 3.83 -13.29
CA GLN A 241 16.36 4.79 -12.98
C GLN A 241 15.14 4.71 -13.89
N LYS A 242 15.35 4.38 -15.16
CA LYS A 242 14.26 4.36 -16.14
C LYS A 242 13.90 2.93 -16.52
N ALA A 243 14.04 2.03 -15.57
CA ALA A 243 13.61 0.66 -15.74
C ALA A 243 12.10 0.61 -15.92
N GLU A 244 11.60 -0.46 -16.55
CA GLU A 244 10.17 -0.64 -16.70
C GLU A 244 9.59 -1.21 -15.41
N ASN A 245 8.39 -0.79 -15.07
CA ASN A 245 7.64 -1.39 -13.99
C ASN A 245 7.33 -2.84 -14.34
N ARG A 246 7.29 -3.70 -13.33
CA ARG A 246 7.12 -5.14 -13.54
C ARG A 246 6.06 -5.77 -12.64
N ASN A 247 4.79 -5.49 -12.92
CA ASN A 247 3.68 -6.08 -12.18
C ASN A 247 3.63 -7.60 -12.30
N ASP A 248 4.15 -8.12 -13.42
CA ASP A 248 4.17 -9.55 -13.67
C ASP A 248 5.06 -10.29 -12.66
N ILE A 249 6.05 -9.59 -12.12
CA ILE A 249 6.92 -10.16 -11.10
C ILE A 249 6.17 -10.31 -9.78
N LEU A 250 5.28 -9.38 -9.49
CA LEU A 250 4.47 -9.42 -8.28
C LEU A 250 3.44 -10.54 -8.36
N ALA A 251 2.85 -10.70 -9.54
CA ALA A 251 1.89 -11.78 -9.79
C ALA A 251 2.59 -13.13 -9.65
N ALA A 252 3.84 -13.18 -10.12
CA ALA A 252 4.62 -14.42 -10.07
C ALA A 252 4.99 -14.74 -8.63
N ALA A 253 5.35 -13.72 -7.87
CA ALA A 253 5.71 -13.88 -6.47
C ALA A 253 4.50 -14.30 -5.62
N ALA A 254 3.33 -13.76 -5.96
CA ALA A 254 2.09 -14.14 -5.28
C ALA A 254 1.76 -15.61 -5.51
N LYS A 255 1.81 -16.04 -6.77
CA LYS A 255 1.53 -17.44 -7.10
C LYS A 255 2.47 -18.42 -6.41
N ILE A 256 3.75 -18.06 -6.32
CA ILE A 256 4.74 -18.94 -5.68
C ILE A 256 4.43 -19.20 -4.21
N VAL A 257 4.07 -18.16 -3.48
CA VAL A 257 3.96 -18.26 -2.03
C VAL A 257 2.62 -18.81 -1.56
N THR A 258 1.64 -18.82 -2.46
CA THR A 258 0.29 -19.29 -2.13
C THR A 258 0.01 -20.68 -2.68
N HIS A 259 0.98 -21.26 -3.37
CA HIS A 259 0.82 -22.62 -3.90
C HIS A 259 0.80 -23.62 -2.74
N GLY A 260 -0.41 -23.91 -2.27
CA GLY A 260 -0.58 -24.76 -1.10
C GLY A 260 -1.87 -24.44 -0.36
N PHE A 261 -2.43 -23.27 -0.64
CA PHE A 261 -3.65 -22.81 0.02
C PHE A 261 -4.84 -22.88 -0.94
#